data_2QOJ
#
_entry.id   2QOJ
#
_cell.length_a   60.353
_cell.length_b   72.701
_cell.length_c   61.100
_cell.angle_alpha   90.00
_cell.angle_beta   103.88
_cell.angle_gamma   90.00
#
_symmetry.space_group_name_H-M   'P 1 21 1'
#
loop_
_entity.id
_entity.type
_entity.pdbx_description
1 polymer 'LAGLIDADG endonuclease'
2 polymer 'I-AniI DNA target seq1'
3 polymer 'I-AniI DNA target seq2'
4 non-polymer 'MAGNESIUM ION'
5 water water
#
loop_
_entity_poly.entity_id
_entity_poly.type
_entity_poly.pdbx_seq_one_letter_code
_entity_poly.pdbx_strand_id
1 'polypeptide(L)'
;GSDLTYAYLVGLFEGDGYFSITKKGKYLTYELGIELSIKDVQLIYKIKKILGIGIVSFRKRNEIE(MSE)VALRIRDKNH
LKSFILPIFEKYP(MSE)FSNKQYDYLRFRNALLSGIISLEDLPDYTRSDEPLNSIESIINTSYFSAWLVGFIEAEGCFS
VYKLNKDDDYLIASFDIAQRDGDILISAIRKYLSFTTKVYLDKTNCSKLKVTSVRSVENIIKFLQNAPVKLLGNKKLQYL
LWLKQLRKISRYSEKIKIPSNY
;
Z
2 'polydeoxyribonucleotide'
;(DG)(DC)(DG)(DC)(DG)(DC)(DT)(DG)(DA)(DG)(DG)(DA)(DG)(DG)(DT)(DT)(DT)(DC)(DT)(DC)
(DT)(DG)(DT)(DA)(DA)(DA)(DG)(DC)(DG)(DC)(DA)
;
X
3 'polydeoxyribonucleotide'
;(DG)(DC)(DG)(DC)(DT)(DT)(DT)(DA)(DC)(DA)(DG)(DA)(DG)(DA)(DA)(DA)(DC)(DC)(DT)(DC)
(DC)(DT)(DC)(DA)(DG)(DC)(DG)(DC)(DG)(DC)(DT)
;
Y
#
loop_
_chem_comp.id
_chem_comp.type
_chem_comp.name
_chem_comp.formula
DA DNA linking 2'-DEOXYADENOSINE-5'-MONOPHOSPHATE 'C10 H14 N5 O6 P'
DC DNA linking 2'-DEOXYCYTIDINE-5'-MONOPHOSPHATE 'C9 H14 N3 O7 P'
DG DNA linking 2'-DEOXYGUANOSINE-5'-MONOPHOSPHATE 'C10 H14 N5 O7 P'
DT DNA linking THYMIDINE-5'-MONOPHOSPHATE 'C10 H15 N2 O8 P'
MG non-polymer 'MAGNESIUM ION' 'Mg 2'
#
# COMPACT_ATOMS: atom_id res chain seq x y z
N GLY A 1 9.02 8.64 -11.86
CA GLY A 1 9.84 9.63 -11.10
C GLY A 1 10.89 8.93 -10.25
N SER A 2 11.51 9.68 -9.32
CA SER A 2 12.55 9.24 -8.34
C SER A 2 13.11 7.79 -8.36
N ASP A 3 14.16 7.54 -7.58
CA ASP A 3 14.67 6.17 -7.36
C ASP A 3 13.78 5.57 -6.28
N LEU A 4 13.28 6.45 -5.42
CA LEU A 4 12.44 6.09 -4.30
C LEU A 4 10.98 6.01 -4.73
N THR A 5 10.71 6.33 -5.99
CA THR A 5 9.41 6.03 -6.53
C THR A 5 9.28 4.52 -6.72
N TYR A 6 10.40 3.82 -6.89
CA TYR A 6 10.42 2.37 -6.88
C TYR A 6 10.09 1.80 -5.49
N ALA A 7 10.60 2.44 -4.44
CA ALA A 7 10.22 2.14 -3.04
C ALA A 7 8.75 2.40 -2.80
N TYR A 8 8.21 3.44 -3.45
CA TYR A 8 6.78 3.74 -3.41
C TYR A 8 6.00 2.61 -4.04
N LEU A 9 6.50 2.11 -5.17
CA LEU A 9 5.85 1.02 -5.88
C LEU A 9 5.85 -0.27 -5.05
N VAL A 10 6.90 -0.53 -4.27
CA VAL A 10 6.86 -1.73 -3.43
C VAL A 10 5.86 -1.65 -2.31
N GLY A 11 5.76 -0.47 -1.70
CA GLY A 11 4.69 -0.16 -0.74
C GLY A 11 3.28 -0.36 -1.29
N LEU A 12 3.07 0.14 -2.50
CA LEU A 12 1.80 -0.01 -3.21
C LEU A 12 1.54 -1.46 -3.56
N PHE A 13 2.55 -2.15 -4.08
CA PHE A 13 2.45 -3.58 -4.31
C PHE A 13 2.28 -4.39 -3.01
N GLU A 14 2.90 -3.96 -1.90
CA GLU A 14 2.71 -4.60 -0.59
C GLU A 14 1.25 -4.47 -0.11
N GLY A 15 0.70 -3.26 -0.18
CA GLY A 15 -0.69 -2.99 0.16
C GLY A 15 -1.67 -3.74 -0.74
N ASP A 16 -1.55 -3.59 -2.05
CA ASP A 16 -2.60 -4.00 -2.98
C ASP A 16 -2.26 -5.08 -3.99
N GLY A 17 -1.00 -5.45 -4.10
CA GLY A 17 -0.59 -6.41 -5.08
C GLY A 17 -0.56 -7.80 -4.51
N TYR A 18 -0.01 -8.71 -5.31
CA TYR A 18 0.20 -10.11 -4.95
C TYR A 18 1.25 -10.76 -5.84
N PHE A 19 2.16 -11.49 -5.21
CA PHE A 19 3.00 -12.46 -5.91
C PHE A 19 2.25 -13.78 -5.92
N SER A 20 2.27 -14.48 -7.06
CA SER A 20 1.64 -15.76 -7.11
C SER A 20 2.29 -16.72 -8.12
N ILE A 21 2.32 -17.98 -7.74
CA ILE A 21 2.70 -19.07 -8.63
C ILE A 21 1.49 -19.99 -8.71
N THR A 22 0.91 -20.12 -9.89
CA THR A 22 -0.34 -20.87 -10.06
C THR A 22 -0.18 -21.99 -11.06
N LYS A 23 -0.83 -23.11 -10.79
CA LYS A 23 -0.82 -24.17 -11.79
C LYS A 23 -1.46 -23.70 -13.11
N LYS A 24 -0.87 -24.16 -14.20
CA LYS A 24 -1.31 -23.90 -15.54
C LYS A 24 -1.27 -25.25 -16.24
N GLY A 25 -2.31 -26.06 -16.02
CA GLY A 25 -2.34 -27.44 -16.52
C GLY A 25 -1.16 -28.22 -16.02
N LYS A 26 -0.19 -28.45 -16.89
CA LYS A 26 1.01 -29.23 -16.55
C LYS A 26 2.20 -28.37 -16.07
N TYR A 27 2.05 -27.05 -16.16
CA TYR A 27 3.16 -26.14 -15.90
C TYR A 27 2.75 -25.05 -14.91
N LEU A 28 3.47 -23.93 -14.93
CA LEU A 28 3.26 -22.88 -13.93
C LEU A 28 3.13 -21.47 -14.52
N THR A 29 2.33 -20.65 -13.84
CA THR A 29 2.31 -19.22 -14.03
C THR A 29 2.93 -18.57 -12.83
N TYR A 30 4.06 -17.90 -13.05
CA TYR A 30 4.65 -16.98 -12.12
C TYR A 30 4.15 -15.59 -12.47
N GLU A 31 3.63 -14.87 -11.47
CA GLU A 31 2.99 -13.57 -11.73
C GLU A 31 3.18 -12.59 -10.56
N LEU A 32 3.32 -11.32 -10.92
CA LEU A 32 3.10 -10.25 -9.94
C LEU A 32 1.97 -9.40 -10.46
N GLY A 33 0.92 -9.31 -9.66
CA GLY A 33 -0.26 -8.57 -10.05
C GLY A 33 -0.72 -7.56 -9.03
N ILE A 34 -1.43 -6.53 -9.53
CA ILE A 34 -2.23 -5.60 -8.71
C ILE A 34 -3.59 -5.47 -9.40
N GLU A 35 -4.66 -5.63 -8.65
CA GLU A 35 -5.90 -5.33 -9.29
C GLU A 35 -6.63 -4.28 -8.52
N LEU A 36 -6.92 -3.19 -9.22
CA LEU A 36 -7.48 -2.01 -8.58
C LEU A 36 -8.85 -1.71 -9.11
N SER A 37 -9.59 -0.92 -8.35
CA SER A 37 -10.79 -0.34 -8.88
C SER A 37 -10.54 0.45 -10.19
N ILE A 38 -11.56 0.49 -11.06
CA ILE A 38 -11.51 1.28 -12.32
C ILE A 38 -11.24 2.79 -12.03
N LYS A 39 -11.48 3.21 -10.79
CA LYS A 39 -11.16 4.57 -10.35
C LYS A 39 -9.66 4.82 -10.52
N ASP A 40 -8.90 3.73 -10.56
CA ASP A 40 -7.44 3.74 -10.61
C ASP A 40 -6.83 3.36 -11.94
N VAL A 41 -7.60 3.37 -13.04
CA VAL A 41 -6.99 3.03 -14.34
C VAL A 41 -5.80 3.92 -14.75
N GLN A 42 -5.88 5.20 -14.43
CA GLN A 42 -4.79 6.11 -14.79
C GLN A 42 -3.51 5.73 -14.05
N LEU A 43 -3.62 5.36 -12.78
CA LEU A 43 -2.48 4.88 -11.98
C LEU A 43 -1.88 3.55 -12.47
N ILE A 44 -2.75 2.60 -12.89
CA ILE A 44 -2.28 1.39 -13.54
C ILE A 44 -1.35 1.77 -14.74
N TYR A 45 -1.79 2.66 -15.61
CA TYR A 45 -0.85 3.08 -16.66
C TYR A 45 0.37 3.89 -16.21
N LYS A 46 0.28 4.62 -15.11
CA LYS A 46 1.50 5.19 -14.55
C LYS A 46 2.50 4.14 -14.01
N ILE A 47 1.98 3.03 -13.48
CA ILE A 47 2.82 1.94 -12.96
C ILE A 47 3.51 1.23 -14.11
N LYS A 48 2.77 0.85 -15.15
CA LYS A 48 3.38 0.28 -16.36
C LYS A 48 4.43 1.22 -16.99
N LYS A 49 4.08 2.51 -17.10
CA LYS A 49 5.07 3.49 -17.53
C LYS A 49 6.37 3.51 -16.66
N ILE A 50 6.26 3.42 -15.33
CA ILE A 50 7.47 3.33 -14.50
C ILE A 50 8.30 2.04 -14.67
N LEU A 51 7.63 0.89 -14.75
CA LEU A 51 8.35 -0.37 -14.83
C LEU A 51 8.75 -0.78 -16.26
N GLY A 52 7.96 -0.32 -17.23
CA GLY A 52 8.21 -0.62 -18.63
C GLY A 52 7.63 -1.95 -19.05
N ILE A 53 6.92 -2.62 -18.14
CA ILE A 53 6.42 -3.98 -18.40
C ILE A 53 5.06 -4.23 -17.76
N GLY A 54 4.40 -5.31 -18.16
CA GLY A 54 3.12 -5.64 -17.56
C GLY A 54 1.94 -5.57 -18.49
N ILE A 55 1.07 -6.57 -18.41
CA ILE A 55 -0.15 -6.62 -19.20
C ILE A 55 -1.31 -6.01 -18.42
N VAL A 56 -2.10 -5.16 -19.09
CA VAL A 56 -3.25 -4.45 -18.49
C VAL A 56 -4.60 -5.09 -18.91
N SER A 57 -5.52 -5.28 -17.97
CA SER A 57 -6.75 -6.01 -18.26
C SER A 57 -7.96 -5.41 -17.56
N PHE A 58 -9.13 -5.58 -18.14
CA PHE A 58 -10.35 -4.98 -17.59
C PHE A 58 -11.38 -6.06 -17.26
N ARG A 59 -12.12 -5.85 -16.17
CA ARG A 59 -13.02 -6.87 -15.63
C ARG A 59 -14.28 -6.21 -15.11
N LYS A 60 -15.46 -6.80 -15.35
CA LYS A 60 -16.67 -6.23 -14.74
C LYS A 60 -17.42 -7.01 -13.62
N ARG A 61 -16.96 -8.18 -13.20
CA ARG A 61 -17.36 -8.72 -11.86
C ARG A 61 -18.69 -8.10 -11.48
N ASN A 62 -19.72 -8.72 -12.02
CA ASN A 62 -20.67 -8.03 -12.92
C ASN A 62 -21.21 -6.59 -12.84
N GLU A 63 -21.01 -5.89 -11.72
CA GLU A 63 -21.28 -4.43 -11.68
C GLU A 63 -20.15 -3.57 -11.08
N ILE A 64 -19.11 -4.22 -10.57
CA ILE A 64 -17.95 -3.54 -10.02
C ILE A 64 -16.92 -3.58 -11.12
N GLU A 65 -16.32 -2.44 -11.46
CA GLU A 65 -15.31 -2.40 -12.53
C GLU A 65 -13.89 -2.28 -11.98
N MSE A 66 -12.98 -3.03 -12.59
CA MSE A 66 -11.72 -3.41 -12.00
C MSE A 66 -10.68 -3.34 -13.08
O MSE A 66 -11.00 -3.63 -14.23
CB MSE A 66 -11.79 -4.87 -11.49
CG MSE A 66 -12.70 -5.10 -10.32
SE MSE A 66 -12.11 -4.02 -8.80
CE MSE A 66 -10.41 -4.84 -8.33
N VAL A 67 -9.47 -2.90 -12.74
CA VAL A 67 -8.34 -2.90 -13.68
C VAL A 67 -7.17 -3.63 -13.04
N ALA A 68 -6.49 -4.46 -13.81
CA ALA A 68 -5.33 -5.20 -13.32
C ALA A 68 -4.07 -4.88 -14.10
N LEU A 69 -2.93 -5.01 -13.44
CA LEU A 69 -1.65 -5.04 -14.13
C LEU A 69 -1.01 -6.33 -13.70
N ARG A 70 -0.53 -7.10 -14.68
CA ARG A 70 0.03 -8.40 -14.36
C ARG A 70 1.32 -8.63 -15.10
N ILE A 71 2.41 -8.90 -14.34
CA ILE A 71 3.69 -9.30 -14.95
C ILE A 71 3.91 -10.79 -14.82
N ARG A 72 3.90 -11.48 -15.97
CA ARG A 72 4.09 -12.93 -16.05
C ARG A 72 5.31 -13.39 -16.83
N ASP A 73 5.94 -12.50 -17.59
CA ASP A 73 7.09 -12.91 -18.40
C ASP A 73 8.28 -13.12 -17.48
N LYS A 74 8.78 -14.36 -17.44
CA LYS A 74 9.83 -14.77 -16.48
C LYS A 74 11.19 -14.10 -16.65
N ASN A 75 11.62 -13.82 -17.88
CA ASN A 75 12.83 -13.03 -18.07
C ASN A 75 12.68 -11.60 -17.56
N HIS A 76 11.51 -10.99 -17.79
CA HIS A 76 11.17 -9.66 -17.27
C HIS A 76 11.10 -9.61 -15.75
N LEU A 77 10.58 -10.67 -15.15
CA LEU A 77 10.51 -10.76 -13.67
C LEU A 77 11.91 -10.88 -13.04
N LYS A 78 12.76 -11.74 -13.62
CA LYS A 78 14.14 -11.89 -13.21
C LYS A 78 14.93 -10.59 -13.38
N SER A 79 14.80 -9.97 -14.56
CA SER A 79 15.53 -8.75 -14.89
C SER A 79 15.15 -7.53 -14.09
N PHE A 80 13.83 -7.28 -14.01
CA PHE A 80 13.32 -5.98 -13.60
C PHE A 80 12.58 -5.96 -12.28
N ILE A 81 11.87 -7.04 -11.96
CA ILE A 81 11.02 -7.07 -10.77
C ILE A 81 11.77 -7.49 -9.50
N LEU A 82 12.46 -8.64 -9.53
CA LEU A 82 13.21 -9.08 -8.37
C LEU A 82 14.14 -7.99 -7.82
N PRO A 83 14.98 -7.34 -8.69
CA PRO A 83 15.92 -6.32 -8.19
C PRO A 83 15.26 -5.22 -7.41
N ILE A 84 14.19 -4.64 -7.93
CA ILE A 84 13.39 -3.68 -7.18
C ILE A 84 13.10 -4.20 -5.77
N PHE A 85 12.69 -5.46 -5.68
CA PHE A 85 12.21 -6.02 -4.42
C PHE A 85 13.38 -6.51 -3.57
N GLU A 86 14.54 -6.68 -4.19
CA GLU A 86 15.81 -6.81 -3.47
C GLU A 86 16.29 -5.49 -2.89
N LYS A 87 16.31 -4.44 -3.72
CA LYS A 87 16.82 -3.14 -3.30
C LYS A 87 15.93 -2.48 -2.26
N TYR A 88 14.62 -2.68 -2.39
CA TYR A 88 13.69 -2.04 -1.47
C TYR A 88 12.74 -3.12 -0.90
N PRO A 89 13.22 -3.93 0.07
CA PRO A 89 12.39 -5.05 0.56
C PRO A 89 11.08 -4.62 1.21
N MSE A 90 10.02 -5.41 1.00
CA MSE A 90 8.81 -5.32 1.78
C MSE A 90 9.10 -5.51 3.27
O MSE A 90 10.04 -6.21 3.64
CB MSE A 90 7.74 -6.32 1.29
CG MSE A 90 7.01 -5.85 0.03
SE MSE A 90 5.75 -7.14 -0.73
CE MSE A 90 6.97 -8.57 -1.23
N PHE A 91 8.29 -4.88 4.11
CA PHE A 91 8.50 -4.85 5.55
C PHE A 91 7.70 -5.88 6.31
N SER A 92 6.58 -6.32 5.74
CA SER A 92 5.63 -7.22 6.39
C SER A 92 5.83 -8.69 5.98
N ASN A 93 4.94 -9.54 6.49
CA ASN A 93 5.03 -10.97 6.22
C ASN A 93 4.68 -11.33 4.76
N LYS A 94 4.26 -10.32 3.98
CA LYS A 94 4.18 -10.44 2.52
C LYS A 94 5.56 -10.60 1.93
N GLN A 95 6.59 -10.28 2.72
CA GLN A 95 7.98 -10.62 2.32
C GLN A 95 8.15 -12.12 2.13
N TYR A 96 7.51 -12.93 2.99
CA TYR A 96 7.55 -14.40 2.80
C TYR A 96 7.14 -14.84 1.38
N ASP A 97 6.09 -14.21 0.83
CA ASP A 97 5.66 -14.46 -0.56
C ASP A 97 6.72 -14.10 -1.60
N TYR A 98 7.38 -12.93 -1.43
CA TYR A 98 8.45 -12.60 -2.37
C TYR A 98 9.62 -13.58 -2.32
N LEU A 99 9.98 -14.00 -1.10
CA LEU A 99 11.06 -14.98 -0.89
C LEU A 99 10.76 -16.35 -1.48
N ARG A 100 9.53 -16.86 -1.32
CA ARG A 100 9.16 -18.15 -2.01
C ARG A 100 9.06 -17.96 -3.51
N PHE A 101 8.47 -16.86 -3.94
CA PHE A 101 8.42 -16.52 -5.38
C PHE A 101 9.85 -16.43 -5.99
N ARG A 102 10.74 -15.66 -5.36
CA ARG A 102 12.15 -15.56 -5.78
C ARG A 102 12.88 -16.93 -5.79
N ASN A 103 12.73 -17.70 -4.72
CA ASN A 103 13.37 -19.01 -4.69
C ASN A 103 12.87 -19.94 -5.77
N ALA A 104 11.56 -20.04 -5.95
CA ALA A 104 10.99 -20.86 -7.02
C ALA A 104 11.45 -20.38 -8.37
N LEU A 105 11.25 -19.10 -8.65
CA LEU A 105 11.68 -18.56 -9.92
C LEU A 105 13.17 -18.87 -10.26
N LEU A 106 14.07 -18.65 -9.30
CA LEU A 106 15.51 -18.78 -9.57
C LEU A 106 16.02 -20.21 -9.64
N SER A 107 15.32 -21.12 -8.96
CA SER A 107 15.63 -22.56 -9.01
C SER A 107 15.15 -23.20 -10.30
N GLY A 108 14.37 -22.47 -11.09
CA GLY A 108 13.80 -22.98 -12.35
C GLY A 108 12.67 -24.01 -12.19
N ILE A 109 11.99 -23.98 -11.03
CA ILE A 109 10.77 -24.78 -10.86
C ILE A 109 9.74 -24.38 -11.91
N ILE A 110 9.28 -25.38 -12.67
CA ILE A 110 8.34 -25.22 -13.76
C ILE A 110 7.16 -26.20 -13.65
N SER A 111 7.22 -27.13 -12.71
CA SER A 111 6.08 -28.00 -12.41
C SER A 111 5.58 -27.94 -10.95
N LEU A 112 4.29 -28.16 -10.79
CA LEU A 112 3.59 -28.13 -9.51
C LEU A 112 4.19 -29.12 -8.52
N GLU A 113 4.65 -30.25 -9.06
CA GLU A 113 5.25 -31.33 -8.29
C GLU A 113 6.56 -30.93 -7.60
N ASP A 114 7.35 -30.05 -8.24
CA ASP A 114 8.63 -29.61 -7.67
C ASP A 114 8.49 -28.35 -6.81
N LEU A 115 7.32 -27.72 -6.88
CA LEU A 115 7.03 -26.52 -6.12
C LEU A 115 6.90 -26.87 -4.64
N PRO A 116 7.75 -26.26 -3.78
CA PRO A 116 7.65 -26.52 -2.35
C PRO A 116 6.31 -26.02 -1.83
N ASP A 117 5.74 -26.72 -0.86
CA ASP A 117 4.43 -26.32 -0.37
C ASP A 117 4.60 -25.03 0.44
N TYR A 118 3.69 -24.10 0.25
CA TYR A 118 3.85 -22.79 0.83
C TYR A 118 2.70 -22.41 1.76
N THR A 119 3.03 -22.18 3.03
CA THR A 119 2.09 -21.50 3.91
C THR A 119 2.73 -20.28 4.62
N ARG A 120 2.20 -19.11 4.29
CA ARG A 120 2.78 -17.85 4.69
C ARG A 120 2.62 -17.64 6.19
N SER A 121 3.77 -17.51 6.85
CA SER A 121 3.83 -17.33 8.30
C SER A 121 3.13 -16.04 8.68
N ASP A 122 2.56 -16.02 9.89
CA ASP A 122 1.89 -14.85 10.45
C ASP A 122 2.85 -14.00 11.30
N GLU A 123 4.05 -14.52 11.44
CA GLU A 123 5.05 -13.93 12.32
C GLU A 123 5.87 -12.93 11.55
N PRO A 124 6.09 -11.73 12.14
CA PRO A 124 6.81 -10.64 11.49
C PRO A 124 8.28 -10.93 11.24
N LEU A 125 8.88 -10.24 10.27
CA LEU A 125 10.30 -10.35 9.95
C LEU A 125 11.14 -9.25 10.58
N ASN A 126 10.53 -8.07 10.79
CA ASN A 126 11.21 -6.91 11.37
C ASN A 126 10.63 -6.45 12.70
N SER A 127 11.35 -5.56 13.36
CA SER A 127 10.91 -4.88 14.57
C SER A 127 10.38 -3.48 14.19
N ILE A 128 9.78 -2.76 15.12
CA ILE A 128 9.41 -1.37 14.86
C ILE A 128 10.63 -0.63 14.37
N GLU A 129 11.68 -0.66 15.18
CA GLU A 129 12.88 0.14 14.98
C GLU A 129 13.56 -0.14 13.67
N SER A 130 13.51 -1.40 13.27
CA SER A 130 14.13 -1.85 12.06
C SER A 130 13.36 -1.34 10.83
N ILE A 131 12.04 -1.21 10.96
CA ILE A 131 11.21 -0.66 9.90
C ILE A 131 11.44 0.87 9.78
N ILE A 132 11.30 1.55 10.92
CA ILE A 132 11.34 3.01 11.02
C ILE A 132 12.68 3.63 10.61
N ASN A 133 13.76 2.86 10.73
CA ASN A 133 15.10 3.40 10.54
C ASN A 133 15.74 3.16 9.17
N THR A 134 15.03 2.41 8.31
CA THR A 134 15.50 2.15 6.94
C THR A 134 15.28 3.39 6.10
N SER A 135 16.24 3.64 5.21
CA SER A 135 16.29 4.86 4.41
C SER A 135 15.06 5.09 3.51
N TYR A 136 14.44 4.03 3.01
CA TYR A 136 13.36 4.19 2.05
C TYR A 136 11.95 4.21 2.65
N PHE A 137 11.84 4.10 3.96
CA PHE A 137 10.56 3.86 4.64
C PHE A 137 9.44 4.85 4.28
N SER A 138 9.76 6.13 4.36
CA SER A 138 8.79 7.18 4.12
C SER A 138 8.24 7.15 2.70
N ALA A 139 9.06 6.73 1.74
CA ALA A 139 8.66 6.58 0.35
C ALA A 139 7.79 5.32 0.17
N TRP A 140 8.24 4.19 0.73
CA TRP A 140 7.39 3.03 0.92
C TRP A 140 6.03 3.41 1.52
N LEU A 141 6.03 4.28 2.52
CA LEU A 141 4.84 4.61 3.26
C LEU A 141 3.80 5.39 2.45
N VAL A 142 4.26 6.16 1.47
CA VAL A 142 3.37 6.89 0.56
C VAL A 142 2.61 5.92 -0.36
N GLY A 143 3.29 4.88 -0.85
CA GLY A 143 2.61 3.84 -1.62
C GLY A 143 1.73 2.93 -0.79
N PHE A 144 2.19 2.62 0.43
CA PHE A 144 1.39 1.83 1.34
C PHE A 144 0.14 2.56 1.72
N ILE A 145 0.27 3.90 1.90
CA ILE A 145 -0.90 4.78 2.01
C ILE A 145 -1.72 4.81 0.73
N GLU A 146 -1.07 4.94 -0.42
CA GLU A 146 -1.78 4.84 -1.70
C GLU A 146 -2.68 3.59 -1.69
N ALA A 147 -2.12 2.46 -1.26
CA ALA A 147 -2.87 1.21 -1.21
C ALA A 147 -3.92 1.16 -0.08
N GLU A 148 -3.52 1.48 1.14
CA GLU A 148 -4.31 1.09 2.32
C GLU A 148 -4.87 2.21 3.15
N GLY A 149 -4.45 3.44 2.86
CA GLY A 149 -4.89 4.54 3.66
C GLY A 149 -6.31 4.92 3.34
N CYS A 150 -6.98 5.53 4.29
CA CYS A 150 -8.29 6.12 4.05
C CYS A 150 -8.42 7.52 4.68
N PHE A 151 -8.78 8.49 3.86
CA PHE A 151 -9.09 9.84 4.31
C PHE A 151 -10.60 10.06 4.20
N SER A 152 -11.28 10.24 5.33
CA SER A 152 -12.72 10.45 5.30
C SER A 152 -13.23 11.57 6.22
N VAL A 153 -14.46 12.02 5.93
CA VAL A 153 -15.20 12.99 6.74
C VAL A 153 -16.63 12.48 6.98
N TYR A 154 -17.11 12.61 8.22
CA TYR A 154 -18.42 12.08 8.59
C TYR A 154 -19.03 12.84 9.78
N LYS A 155 -20.34 12.78 9.88
CA LYS A 155 -21.11 13.40 10.95
C LYS A 155 -20.90 12.59 12.21
N LEU A 156 -20.63 13.26 13.32
CA LEU A 156 -20.47 12.55 14.59
C LEU A 156 -21.80 11.97 15.08
N ASN A 157 -22.89 12.70 14.79
CA ASN A 157 -24.25 12.28 15.07
C ASN A 157 -25.19 12.75 13.98
N LYS A 158 -26.18 11.93 13.65
CA LYS A 158 -27.22 12.27 12.66
C LYS A 158 -27.82 13.66 12.87
N ASP A 159 -28.04 14.01 14.13
CA ASP A 159 -28.76 15.24 14.48
C ASP A 159 -27.96 16.54 14.38
N ASP A 160 -26.64 16.50 14.64
CA ASP A 160 -25.81 17.71 14.59
C ASP A 160 -25.05 17.88 13.28
N ASP A 161 -24.33 19.00 13.15
CA ASP A 161 -23.48 19.27 11.98
C ASP A 161 -21.99 19.13 12.32
N TYR A 162 -21.68 18.41 13.41
CA TYR A 162 -20.30 18.25 13.86
C TYR A 162 -19.63 17.17 13.03
N LEU A 163 -18.54 17.53 12.36
CA LEU A 163 -17.84 16.67 11.40
C LEU A 163 -16.59 16.11 12.04
N ILE A 164 -16.17 14.91 11.62
CA ILE A 164 -14.99 14.30 12.23
C ILE A 164 -13.66 14.45 11.49
N ALA A 165 -13.55 13.94 10.26
CA ALA A 165 -12.24 14.00 9.56
C ALA A 165 -11.22 13.04 10.15
N SER A 166 -11.14 11.85 9.55
CA SER A 166 -10.22 10.83 10.02
C SER A 166 -9.26 10.35 8.94
N PHE A 167 -8.09 9.89 9.38
CA PHE A 167 -7.21 9.06 8.59
C PHE A 167 -7.11 7.70 9.28
N ASP A 168 -7.27 6.63 8.51
CA ASP A 168 -7.18 5.29 9.07
C ASP A 168 -6.44 4.32 8.13
N ILE A 169 -5.77 3.34 8.71
CA ILE A 169 -4.97 2.36 7.95
C ILE A 169 -4.89 1.01 8.70
N ALA A 170 -5.08 -0.11 7.98
CA ALA A 170 -5.13 -1.43 8.58
C ALA A 170 -4.23 -2.43 7.86
N GLN A 171 -3.81 -3.46 8.61
CA GLN A 171 -3.10 -4.62 8.06
C GLN A 171 -3.32 -5.87 8.90
N ARG A 172 -3.73 -6.95 8.25
CA ARG A 172 -3.82 -8.24 8.91
C ARG A 172 -2.44 -8.85 9.23
N ASP A 173 -2.37 -9.50 10.39
CA ASP A 173 -1.14 -9.96 11.02
C ASP A 173 -0.11 -8.84 11.03
N GLY A 174 -0.55 -7.63 11.38
CA GLY A 174 0.27 -6.43 11.18
C GLY A 174 0.47 -5.54 12.39
N ASP A 175 0.45 -6.16 13.59
CA ASP A 175 0.74 -5.44 14.81
C ASP A 175 2.00 -4.58 14.62
N ILE A 176 3.12 -5.21 14.33
CA ILE A 176 4.40 -4.49 14.24
C ILE A 176 4.31 -3.40 13.18
N LEU A 177 3.90 -3.79 11.97
CA LEU A 177 3.80 -2.86 10.84
C LEU A 177 3.02 -1.60 11.22
N ILE A 178 1.75 -1.81 11.59
CA ILE A 178 0.85 -0.74 11.95
C ILE A 178 1.38 0.09 13.12
N SER A 179 1.99 -0.58 14.12
CA SER A 179 2.57 0.11 15.26
C SER A 179 3.77 0.97 14.88
N ALA A 180 4.57 0.46 13.96
CA ALA A 180 5.64 1.20 13.34
C ALA A 180 5.12 2.48 12.68
N ILE A 181 3.99 2.38 11.96
CA ILE A 181 3.37 3.56 11.33
C ILE A 181 2.91 4.57 12.38
N ARG A 182 2.13 4.08 13.35
CA ARG A 182 1.75 4.84 14.54
C ARG A 182 2.93 5.61 15.14
N LYS A 183 3.99 4.88 15.51
CA LYS A 183 5.25 5.43 16.02
C LYS A 183 5.78 6.57 15.16
N TYR A 184 6.05 6.25 13.90
CA TYR A 184 6.73 7.16 13.01
C TYR A 184 5.98 8.48 12.86
N LEU A 185 4.65 8.38 12.85
CA LEU A 185 3.77 9.49 12.59
C LEU A 185 3.31 10.14 13.87
N SER A 186 3.88 9.68 14.98
CA SER A 186 3.60 10.20 16.34
C SER A 186 2.11 10.11 16.75
N PHE A 187 1.41 9.09 16.22
CA PHE A 187 0.03 8.79 16.63
C PHE A 187 0.02 8.11 18.00
N THR A 188 -1.02 8.33 18.79
CA THR A 188 -1.08 7.80 20.17
C THR A 188 -2.36 7.04 20.45
N THR A 189 -3.22 6.98 19.47
CA THR A 189 -4.46 6.23 19.56
C THR A 189 -4.16 4.73 19.62
N LYS A 190 -5.06 3.97 20.27
CA LYS A 190 -4.84 2.54 20.50
C LYS A 190 -5.15 1.78 19.23
N VAL A 191 -4.21 0.93 18.82
CA VAL A 191 -4.44 0.02 17.69
C VAL A 191 -5.48 -1.00 18.12
N TYR A 192 -6.45 -1.22 17.26
CA TYR A 192 -7.54 -2.11 17.56
C TYR A 192 -7.34 -3.43 16.82
N LEU A 193 -7.40 -4.53 17.57
CA LEU A 193 -7.30 -5.87 17.03
C LEU A 193 -8.70 -6.47 16.89
N ASP A 194 -9.07 -6.90 15.68
CA ASP A 194 -10.39 -7.50 15.48
C ASP A 194 -10.39 -9.05 15.36
N LYS A 195 -11.57 -9.67 15.24
CA LYS A 195 -11.73 -11.15 15.24
C LYS A 195 -10.70 -11.83 14.34
N THR A 196 -10.59 -11.28 13.14
CA THR A 196 -9.55 -11.62 12.21
C THR A 196 -8.41 -10.70 12.50
N ASN A 197 -7.43 -11.18 13.24
CA ASN A 197 -6.14 -10.54 13.48
C ASN A 197 -5.74 -9.30 12.63
N CYS A 198 -6.72 -8.46 12.27
CA CYS A 198 -6.48 -7.23 11.52
C CYS A 198 -6.33 -6.06 12.49
N SER A 199 -5.11 -5.54 12.55
CA SER A 199 -4.77 -4.39 13.38
C SER A 199 -5.19 -3.13 12.64
N LYS A 200 -5.97 -2.28 13.31
CA LYS A 200 -6.52 -1.06 12.69
C LYS A 200 -6.15 0.22 13.45
N LEU A 201 -5.53 1.16 12.73
CA LEU A 201 -5.09 2.45 13.29
C LEU A 201 -5.92 3.58 12.71
N LYS A 202 -6.56 4.35 13.58
CA LYS A 202 -7.41 5.44 13.14
C LYS A 202 -7.15 6.70 13.96
N VAL A 203 -7.09 7.85 13.28
CA VAL A 203 -6.82 9.12 13.94
C VAL A 203 -7.79 10.21 13.46
N THR A 204 -8.03 11.22 14.29
CA THR A 204 -9.18 12.12 14.17
C THR A 204 -8.83 13.53 14.70
N SER A 205 -8.06 13.56 15.77
CA SER A 205 -7.65 14.80 16.41
C SER A 205 -6.98 15.80 15.45
N VAL A 206 -6.89 17.05 15.88
CA VAL A 206 -6.31 18.13 15.07
C VAL A 206 -4.82 17.86 14.83
N ARG A 207 -4.13 17.47 15.89
CA ARG A 207 -2.69 17.26 15.84
C ARG A 207 -2.31 16.07 14.97
N SER A 208 -3.00 14.94 15.11
CA SER A 208 -2.79 13.77 14.22
C SER A 208 -3.06 14.06 12.74
N VAL A 209 -4.18 14.74 12.47
CA VAL A 209 -4.50 15.22 11.10
C VAL A 209 -3.39 16.19 10.60
N GLU A 210 -2.90 17.05 11.48
CA GLU A 210 -1.75 17.89 11.16
C GLU A 210 -0.48 17.06 10.87
N ASN A 211 -0.31 15.97 11.62
CA ASN A 211 0.83 15.08 11.42
C ASN A 211 0.87 14.37 10.03
N ILE A 212 -0.21 13.70 9.59
CA ILE A 212 -0.20 13.07 8.21
C ILE A 212 -0.11 14.11 7.10
N ILE A 213 -0.80 15.24 7.25
CA ILE A 213 -0.72 16.32 6.27
C ILE A 213 0.73 16.75 6.07
N LYS A 214 1.40 17.04 7.18
CA LYS A 214 2.85 17.36 7.23
C LYS A 214 3.76 16.25 6.69
N PHE A 215 3.47 14.99 7.02
CA PHE A 215 4.28 13.90 6.45
C PHE A 215 4.18 13.84 4.92
N LEU A 216 3.02 14.08 4.36
CA LEU A 216 2.84 13.98 2.91
C LEU A 216 3.33 15.19 2.11
N GLN A 217 3.43 16.37 2.76
CA GLN A 217 4.11 17.53 2.19
C GLN A 217 5.61 17.30 2.08
N ASN A 218 6.18 16.67 3.12
CA ASN A 218 7.63 16.53 3.29
C ASN A 218 8.22 15.20 2.82
N ALA A 219 7.35 14.22 2.50
CA ALA A 219 7.78 12.90 2.01
C ALA A 219 8.48 13.02 0.66
N PRO A 220 9.41 12.08 0.35
CA PRO A 220 10.17 12.16 -0.90
C PRO A 220 9.37 12.04 -2.19
N VAL A 221 8.20 11.43 -2.12
CA VAL A 221 7.36 11.22 -3.29
C VAL A 221 5.94 11.50 -2.85
N LYS A 222 5.04 11.60 -3.82
CA LYS A 222 3.63 11.86 -3.53
C LYS A 222 2.67 10.76 -4.02
N LEU A 223 1.43 10.83 -3.52
CA LEU A 223 0.30 10.02 -3.95
C LEU A 223 -0.05 10.34 -5.39
N LEU A 224 -0.32 9.30 -6.17
CA LEU A 224 -0.44 9.39 -7.63
C LEU A 224 -1.82 9.14 -8.21
N GLY A 225 -2.60 8.24 -7.61
CA GLY A 225 -3.90 7.85 -8.16
C GLY A 225 -5.09 8.32 -7.35
N ASN A 226 -6.12 7.47 -7.26
CA ASN A 226 -7.37 7.80 -6.58
C ASN A 226 -7.26 8.19 -5.11
N LYS A 227 -6.32 7.59 -4.38
CA LYS A 227 -6.04 8.07 -3.01
C LYS A 227 -5.55 9.52 -2.98
N LYS A 228 -4.82 9.94 -4.01
CA LYS A 228 -4.41 11.34 -4.18
C LYS A 228 -5.65 12.23 -4.29
N LEU A 229 -6.60 11.83 -5.14
CA LEU A 229 -7.90 12.47 -5.24
C LEU A 229 -8.67 12.46 -3.92
N GLN A 230 -8.74 11.31 -3.26
CA GLN A 230 -9.34 11.26 -1.91
C GLN A 230 -8.62 12.22 -0.96
N TYR A 231 -7.30 12.24 -1.02
CA TYR A 231 -6.54 13.19 -0.21
C TYR A 231 -6.94 14.69 -0.44
N LEU A 232 -7.15 15.09 -1.69
CA LEU A 232 -7.46 16.49 -1.99
C LEU A 232 -8.87 16.93 -1.61
N LEU A 233 -9.84 16.01 -1.69
CA LEU A 233 -11.24 16.31 -1.35
C LEU A 233 -11.45 16.34 0.14
N TRP A 234 -10.63 15.58 0.86
CA TRP A 234 -10.57 15.60 2.32
C TRP A 234 -10.08 16.99 2.77
N LEU A 235 -8.90 17.38 2.32
CA LEU A 235 -8.37 18.74 2.45
C LEU A 235 -9.38 19.85 2.13
N LYS A 236 -10.09 19.71 1.01
CA LYS A 236 -11.23 20.56 0.65
C LYS A 236 -12.18 20.73 1.85
N GLN A 237 -12.76 19.61 2.28
CA GLN A 237 -13.61 19.53 3.47
C GLN A 237 -12.95 20.13 4.75
N LEU A 238 -11.63 20.03 4.85
CA LEU A 238 -10.91 20.41 6.07
C LEU A 238 -10.85 21.92 6.25
N ARG A 239 -10.87 22.64 5.12
CA ARG A 239 -10.80 24.09 5.11
C ARG A 239 -12.08 24.72 5.64
N LYS A 240 -13.17 23.95 5.62
CA LYS A 240 -14.46 24.42 6.12
C LYS A 240 -14.84 23.86 7.49
N ILE A 241 -13.94 23.11 8.15
CA ILE A 241 -14.17 22.68 9.53
C ILE A 241 -13.24 23.49 10.46
N SER A 242 -13.84 24.33 11.29
CA SER A 242 -13.12 25.34 12.07
C SER A 242 -11.93 24.86 12.91
N ARG A 243 -12.13 23.82 13.72
CA ARG A 243 -11.06 23.37 14.62
C ARG A 243 -9.76 23.00 13.90
N TYR A 244 -9.89 22.48 12.68
CA TYR A 244 -8.75 22.04 11.89
C TYR A 244 -8.06 23.20 11.14
N SER A 245 -8.83 23.97 10.39
CA SER A 245 -8.27 25.01 9.54
C SER A 245 -7.69 26.18 10.34
N GLU A 246 -8.29 26.49 11.47
CA GLU A 246 -7.76 27.54 12.32
C GLU A 246 -6.58 27.04 13.18
N LYS A 247 -6.12 25.81 12.94
CA LYS A 247 -4.90 25.30 13.60
C LYS A 247 -3.90 24.57 12.68
N ILE A 248 -4.23 24.43 11.39
CA ILE A 248 -3.32 23.77 10.41
C ILE A 248 -3.08 24.60 9.13
N LYS A 249 -1.83 24.74 8.72
CA LYS A 249 -1.51 25.26 7.38
C LYS A 249 -1.84 24.16 6.36
N ILE A 250 -3.09 24.16 5.89
CA ILE A 250 -3.61 23.05 5.10
C ILE A 250 -2.97 22.84 3.71
N PRO A 251 -3.18 23.80 2.79
CA PRO A 251 -3.21 23.40 1.38
C PRO A 251 -1.84 23.39 0.70
N SER A 252 -1.86 23.64 -0.61
CA SER A 252 -0.69 23.67 -1.49
C SER A 252 -1.18 23.44 -2.92
N ASN A 253 -0.26 23.20 -3.84
CA ASN A 253 -0.58 22.40 -5.02
C ASN A 253 -0.08 20.97 -4.75
N TYR A 254 -0.95 19.97 -4.94
CA TYR A 254 -0.88 18.66 -4.24
C TYR A 254 -1.25 18.90 -2.77
MG MG D . -5.23 -4.17 0.66
MG MG E . -6.45 -0.07 -1.89
MG MG F . -3.20 -5.02 1.63
#